data_6S6J
#
_entry.id   6S6J
#
_cell.length_a   122.670
_cell.length_b   61.594
_cell.length_c   80.126
_cell.angle_alpha   90.000
_cell.angle_beta   117.310
_cell.angle_gamma   90.000
#
_symmetry.space_group_name_H-M   'C 1 2 1'
#
loop_
_entity.id
_entity.type
_entity.pdbx_description
1 polymer 'Transcriptional enhancer factor TEF-4'
2 non-polymer 'MYRISTIC ACID'
3 non-polymer 'ethyl 1-(4-azanylbutyl)-3-(3,4-dichlorophenyl)pyrazole-4-carboxylate'
4 water water
#
_entity_poly.entity_id   1
_entity_poly.type   'polypeptide(L)'
_entity_poly.pdbx_seq_one_letter_code
;MAWQARGLGTARLQLVEFSAFVEPPDAVDSYQRHLFVHISQHCPSPGAPPLESVDVRQIYDKFPEKKGGLRELYDRGPPH
AFFLVKFWADLNWGPSGEEAGAGGSISSGGFYGVSSQYESLEHMTLTCSSKVCSFGKQVVEKVETERAQLEDGRFVYRLL
RSPMCEYLVNFLHKLRQLPERYMMNSVLENFTILQVVTNRDTQELLLCTAYVFEVSTSERGAQHHIYRLVRDVEHHHHHH
;
_entity_poly.pdbx_strand_id   A,B
#
# COMPACT_ATOMS: atom_id res chain seq x y z
N GLY A 7 2.66 18.60 21.87
CA GLY A 7 3.81 17.71 21.53
C GLY A 7 3.98 17.48 20.03
N LEU A 8 3.27 16.46 19.52
CA LEU A 8 3.32 16.13 18.11
C LEU A 8 2.26 16.93 17.32
N GLY A 9 2.72 18.02 16.71
CA GLY A 9 1.84 19.01 16.14
C GLY A 9 2.49 20.28 15.63
N THR A 10 1.78 20.93 14.73
CA THR A 10 2.03 22.31 14.36
C THR A 10 0.79 23.12 14.77
N ALA A 11 0.79 24.41 14.46
CA ALA A 11 -0.39 25.27 14.64
C ALA A 11 -1.56 24.83 13.75
N ARG A 12 -1.25 24.36 12.55
CA ARG A 12 -2.26 23.90 11.61
C ARG A 12 -2.85 22.52 11.92
N LEU A 13 -2.09 21.61 12.52
CA LEU A 13 -2.56 20.20 12.73
C LEU A 13 -1.83 19.55 13.86
N GLN A 14 -2.59 18.94 14.76
CA GLN A 14 -2.02 18.27 15.89
C GLN A 14 -2.48 16.84 15.92
N LEU A 15 -1.60 15.93 16.31
CA LEU A 15 -1.99 14.55 16.58
C LEU A 15 -2.63 14.53 17.93
N VAL A 16 -3.75 13.84 18.06
CA VAL A 16 -4.49 13.79 19.31
C VAL A 16 -4.31 12.41 19.97
N GLU A 17 -4.54 11.36 19.19
CA GLU A 17 -4.28 10.00 19.61
C GLU A 17 -3.75 9.15 18.47
N PHE A 18 -2.89 8.19 18.83
CA PHE A 18 -2.43 7.19 17.91
C PHE A 18 -2.32 5.87 18.65
N SER A 19 -2.90 4.82 18.10
CA SER A 19 -2.70 3.51 18.70
C SER A 19 -2.65 2.41 17.62
N ALA A 20 -1.84 1.39 17.87
CA ALA A 20 -1.93 0.16 17.10
C ALA A 20 -2.21 -0.96 18.09
N PHE A 21 -3.11 -1.86 17.70
CA PHE A 21 -3.70 -2.75 18.67
C PHE A 21 -4.21 -4.04 18.08
N VAL A 22 -4.50 -4.97 18.98
CA VAL A 22 -5.20 -6.18 18.58
C VAL A 22 -6.31 -6.48 19.56
N GLU A 23 -7.43 -6.93 18.98
CA GLU A 23 -8.62 -7.33 19.72
C GLU A 23 -8.94 -8.79 19.38
N PRO A 24 -9.56 -9.53 20.31
CA PRO A 24 -10.07 -10.89 20.00
C PRO A 24 -11.49 -10.88 19.38
N ARG A 33 -8.83 -5.53 24.28
CA ARG A 33 -7.90 -4.81 23.41
C ARG A 33 -6.46 -4.77 23.94
N HIS A 34 -5.48 -5.23 23.15
CA HIS A 34 -4.07 -5.03 23.50
C HIS A 34 -3.49 -3.93 22.62
N LEU A 35 -2.77 -3.00 23.25
CA LEU A 35 -2.11 -1.88 22.56
C LEU A 35 -0.62 -2.17 22.41
N PHE A 36 -0.14 -2.20 21.18
CA PHE A 36 1.28 -2.40 20.93
C PHE A 36 2.01 -1.10 21.22
N VAL A 37 1.45 -0.02 20.70
CA VAL A 37 1.95 1.34 20.96
C VAL A 37 0.75 2.26 21.16
N HIS A 38 0.98 3.40 21.81
CA HIS A 38 -0.10 4.31 22.17
C HIS A 38 0.45 5.71 22.47
N ILE A 39 -0.08 6.72 21.79
CA ILE A 39 0.18 8.12 22.10
C ILE A 39 -1.17 8.72 22.42
N SER A 40 -1.30 9.34 23.60
CA SER A 40 -2.51 10.13 23.95
C SER A 40 -2.13 11.57 24.26
N GLN A 41 -2.74 12.52 23.56
CA GLN A 41 -2.49 13.95 23.76
C GLN A 41 -3.79 14.72 23.87
N PRO A 50 10.13 21.66 26.44
CA PRO A 50 10.04 21.47 25.00
C PRO A 50 10.68 20.15 24.59
N LEU A 51 10.30 19.66 23.42
CA LEU A 51 10.86 18.42 22.90
C LEU A 51 12.34 18.56 22.61
N GLU A 52 13.06 17.44 22.73
CA GLU A 52 14.45 17.37 22.29
C GLU A 52 14.54 17.35 20.78
N SER A 53 15.70 17.67 20.24
CA SER A 53 15.88 17.68 18.81
C SER A 53 16.81 16.56 18.39
N VAL A 54 16.64 16.09 17.15
CA VAL A 54 17.50 15.05 16.56
C VAL A 54 17.93 15.50 15.16
N ASP A 55 19.21 15.32 14.83
CA ASP A 55 19.68 15.65 13.48
C ASP A 55 19.08 14.61 12.55
N VAL A 56 18.14 15.07 11.71
CA VAL A 56 17.52 14.26 10.67
C VAL A 56 18.54 13.49 9.82
N ARG A 57 19.72 14.06 9.66
CA ARG A 57 20.82 13.42 8.94
C ARG A 57 21.11 12.04 9.51
N GLN A 58 21.04 11.93 10.83
CA GLN A 58 21.29 10.67 11.51
C GLN A 58 20.39 9.51 11.02
N ILE A 59 19.19 9.84 10.54
CA ILE A 59 18.21 8.82 10.17
C ILE A 59 17.89 8.74 8.67
N TYR A 60 18.61 9.45 7.79
CA TYR A 60 18.38 9.33 6.32
C TYR A 60 18.43 7.86 5.87
N ASP A 61 19.47 7.15 6.30
CA ASP A 61 19.65 5.73 6.00
C ASP A 61 18.57 4.76 6.54
N LYS A 62 17.63 5.26 7.36
CA LYS A 62 16.49 4.47 7.86
C LYS A 62 15.22 4.53 7.00
N PHE A 63 15.27 5.26 5.88
CA PHE A 63 14.13 5.49 4.99
C PHE A 63 14.69 5.58 3.56
N PRO A 64 13.86 5.39 2.53
CA PRO A 64 14.50 5.34 1.21
C PRO A 64 15.00 6.71 0.77
N GLU A 65 16.09 6.75 0.01
CA GLU A 65 16.60 8.00 -0.57
C GLU A 65 15.90 8.40 -1.87
N LYS A 66 14.99 7.55 -2.34
CA LYS A 66 14.18 7.85 -3.52
C LYS A 66 13.30 9.10 -3.36
N LYS A 67 12.48 9.38 -4.36
CA LYS A 67 11.36 10.29 -4.19
C LYS A 67 10.49 9.78 -3.02
N GLY A 68 9.98 10.71 -2.21
CA GLY A 68 9.35 10.36 -0.94
C GLY A 68 10.40 9.88 0.04
N GLY A 69 11.61 10.40 -0.13
CA GLY A 69 12.70 10.12 0.77
C GLY A 69 12.64 11.20 1.82
N LEU A 70 13.10 10.87 3.02
CA LEU A 70 13.11 11.80 4.12
C LEU A 70 13.98 13.02 3.78
N ARG A 71 15.10 12.79 3.10
CA ARG A 71 15.97 13.88 2.67
C ARG A 71 15.23 14.88 1.81
N GLU A 72 14.61 14.35 0.75
CA GLU A 72 13.86 15.14 -0.21
C GLU A 72 12.63 15.85 0.40
N LEU A 73 11.84 15.13 1.21
CA LEU A 73 10.73 15.74 1.96
C LEU A 73 11.23 16.91 2.81
N TYR A 74 12.34 16.72 3.49
CA TYR A 74 12.85 17.76 4.39
C TYR A 74 13.34 18.98 3.63
N ASP A 75 14.13 18.73 2.57
CA ASP A 75 14.60 19.77 1.64
C ASP A 75 13.49 20.75 1.25
N ARG A 76 12.30 20.24 0.93
CA ARG A 76 11.13 21.09 0.66
C ARG A 76 10.69 21.83 1.91
N GLY A 77 10.41 21.07 2.97
CA GLY A 77 9.98 21.65 4.24
C GLY A 77 8.46 21.70 4.33
N PRO A 78 7.91 22.40 5.31
CA PRO A 78 8.64 23.24 6.25
C PRO A 78 9.27 22.45 7.38
N PRO A 79 10.48 22.83 7.81
CA PRO A 79 11.19 22.06 8.83
C PRO A 79 10.50 21.80 10.18
N HIS A 80 9.65 22.70 10.67
CA HIS A 80 8.93 22.52 11.96
C HIS A 80 7.82 21.45 11.91
N ALA A 81 7.53 20.92 10.72
CA ALA A 81 6.50 19.91 10.55
C ALA A 81 7.02 18.47 10.75
N PHE A 82 8.33 18.32 10.95
CA PHE A 82 8.97 17.01 11.00
C PHE A 82 9.31 16.55 12.41
N PHE A 83 8.81 15.37 12.78
CA PHE A 83 9.00 14.77 14.11
C PHE A 83 9.53 13.33 14.05
N LEU A 84 10.25 12.92 15.09
CA LEU A 84 10.63 11.52 15.30
C LEU A 84 9.94 10.99 16.55
N VAL A 85 9.37 9.79 16.45
CA VAL A 85 8.84 9.06 17.60
C VAL A 85 9.65 7.77 17.77
N LYS A 86 10.23 7.56 18.95
CA LYS A 86 10.77 6.24 19.30
C LYS A 86 9.72 5.54 20.15
N PHE A 87 9.33 4.34 19.71
CA PHE A 87 8.40 3.50 20.46
C PHE A 87 9.10 2.33 21.14
N TRP A 88 8.70 2.02 22.38
CA TRP A 88 9.08 0.77 23.05
C TRP A 88 7.80 -0.01 23.11
N ALA A 89 7.68 -1.00 22.24
CA ALA A 89 6.40 -1.64 22.03
C ALA A 89 6.18 -2.79 23.00
N ASP A 90 4.91 -3.12 23.20
CA ASP A 90 4.49 -4.20 24.04
C ASP A 90 3.96 -5.29 23.15
N LEU A 91 4.78 -6.33 22.90
CA LEU A 91 4.36 -7.52 22.14
C LEU A 91 3.93 -8.71 23.04
N ASN A 92 3.50 -8.42 24.27
CA ASN A 92 3.12 -9.45 25.24
C ASN A 92 1.60 -9.55 25.37
N TRP A 93 1.00 -10.28 24.44
CA TRP A 93 -0.46 -10.51 24.46
C TRP A 93 -0.78 -11.97 24.23
N GLY A 94 -1.94 -12.39 24.73
CA GLY A 94 -2.39 -13.79 24.63
C GLY A 94 -2.51 -14.41 26.02
N PRO A 95 -2.91 -15.70 26.08
CA PRO A 95 -3.10 -16.41 27.36
C PRO A 95 -1.82 -17.01 28.01
N SER A 107 -1.48 -17.51 20.38
CA SER A 107 -2.78 -16.88 20.16
C SER A 107 -2.92 -16.42 18.72
N SER A 108 -3.79 -17.04 17.94
CA SER A 108 -3.90 -16.61 16.56
C SER A 108 -5.28 -16.08 16.23
N GLY A 109 -5.36 -15.40 15.10
CA GLY A 109 -6.55 -14.65 14.70
C GLY A 109 -6.57 -13.33 15.45
N GLY A 110 -7.75 -12.72 15.53
CA GLY A 110 -7.93 -11.42 16.20
C GLY A 110 -7.99 -10.30 15.19
N PHE A 111 -8.52 -9.15 15.60
CA PHE A 111 -8.52 -7.96 14.74
C PHE A 111 -7.29 -7.09 15.05
N TYR A 112 -6.52 -6.79 14.00
CA TYR A 112 -5.34 -5.92 14.07
C TYR A 112 -5.67 -4.60 13.41
N GLY A 113 -5.58 -3.54 14.22
CA GLY A 113 -5.94 -2.22 13.76
C GLY A 113 -5.00 -1.12 14.21
N VAL A 114 -5.12 -0.02 13.46
CA VAL A 114 -4.50 1.27 13.71
C VAL A 114 -5.60 2.36 13.81
N SER A 115 -5.61 3.11 14.90
CA SER A 115 -6.51 4.25 15.05
C SER A 115 -5.66 5.49 15.23
N SER A 116 -5.92 6.52 14.43
CA SER A 116 -5.31 7.85 14.64
C SER A 116 -6.36 8.96 14.65
N GLN A 117 -6.06 10.01 15.39
CA GLN A 117 -6.91 11.16 15.44
C GLN A 117 -6.07 12.40 15.37
N TYR A 118 -6.42 13.27 14.44
CA TYR A 118 -5.79 14.55 14.36
C TYR A 118 -6.82 15.58 14.67
N GLU A 119 -6.37 16.82 14.80
CA GLU A 119 -7.28 17.93 14.96
C GLU A 119 -6.66 19.26 14.51
N SER A 120 -7.56 20.18 14.13
CA SER A 120 -7.23 21.54 13.68
C SER A 120 -8.36 22.55 13.84
N LEU A 121 -7.98 23.82 13.72
CA LEU A 121 -8.94 24.93 13.69
C LEU A 121 -9.41 25.27 12.28
N GLU A 122 -8.62 24.92 11.25
CA GLU A 122 -9.02 25.13 9.87
C GLU A 122 -9.71 23.87 9.35
N HIS A 123 -10.65 24.05 8.42
CA HIS A 123 -11.37 22.95 7.78
C HIS A 123 -10.57 22.46 6.58
N MET A 124 -10.18 21.18 6.59
CA MET A 124 -9.32 20.58 5.57
C MET A 124 -9.75 19.18 5.23
N THR A 125 -9.21 18.70 4.12
CA THR A 125 -9.16 17.28 3.85
C THR A 125 -7.69 16.85 3.81
N LEU A 126 -7.43 15.74 4.49
CA LEU A 126 -6.08 15.22 4.69
C LEU A 126 -5.82 13.99 3.83
N THR A 127 -4.63 13.92 3.25
CA THR A 127 -4.10 12.71 2.67
C THR A 127 -3.07 12.19 3.67
N CYS A 128 -3.28 10.98 4.19
CA CYS A 128 -2.39 10.37 5.17
C CYS A 128 -1.64 9.20 4.53
N SER A 129 -0.34 9.38 4.28
CA SER A 129 0.52 8.33 3.71
C SER A 129 1.34 7.64 4.84
N SER A 130 1.22 6.32 4.94
CA SER A 130 2.04 5.52 5.83
C SER A 130 2.90 4.63 4.96
N LYS A 131 4.22 4.70 5.17
CA LYS A 131 5.20 3.90 4.43
C LYS A 131 5.94 3.01 5.40
N VAL A 132 5.71 1.70 5.31
CA VAL A 132 6.51 0.77 6.08
C VAL A 132 7.80 0.42 5.32
N CYS A 133 8.92 0.44 6.05
CA CYS A 133 10.27 0.32 5.47
C CYS A 133 11.07 -0.76 6.16
N SER A 134 11.77 -1.57 5.37
CA SER A 134 12.61 -2.65 5.88
C SER A 134 13.98 -2.41 5.27
N PHE A 135 15.00 -2.27 6.14
CA PHE A 135 16.37 -1.93 5.73
C PHE A 135 16.34 -0.70 4.81
N GLY A 136 15.59 0.32 5.20
CA GLY A 136 15.44 1.53 4.39
C GLY A 136 14.60 1.49 3.10
N LYS A 137 14.16 0.31 2.67
CA LYS A 137 13.38 0.23 1.44
C LYS A 137 11.93 0.16 1.81
N GLN A 138 11.12 0.88 1.05
CA GLN A 138 9.68 0.84 1.23
C GLN A 138 9.14 -0.50 0.80
N VAL A 139 8.45 -1.18 1.70
CA VAL A 139 7.76 -2.41 1.38
C VAL A 139 6.25 -2.29 1.45
N VAL A 140 5.72 -1.23 2.07
CA VAL A 140 4.27 -0.98 2.05
C VAL A 140 4.05 0.51 1.93
N GLU A 141 3.13 0.94 1.07
CA GLU A 141 2.60 2.27 1.19
C GLU A 141 1.10 2.19 1.27
N LYS A 142 0.56 2.75 2.36
CA LYS A 142 -0.87 2.84 2.59
C LYS A 142 -1.28 4.30 2.53
N VAL A 143 -2.21 4.63 1.62
CA VAL A 143 -2.75 5.98 1.47
C VAL A 143 -4.24 6.00 1.84
N GLU A 144 -4.57 6.92 2.75
CA GLU A 144 -5.94 7.17 3.20
C GLU A 144 -6.26 8.66 3.15
N THR A 145 -7.56 8.91 3.12
CA THR A 145 -8.11 10.25 3.04
C THR A 145 -9.12 10.46 4.16
N GLU A 146 -9.12 11.65 4.74
CA GLU A 146 -10.06 12.00 5.81
C GLU A 146 -10.46 13.47 5.78
N ARG A 147 -11.78 13.69 5.82
CA ARG A 147 -12.38 15.01 5.72
C ARG A 147 -12.63 15.53 7.12
N ALA A 148 -12.44 16.82 7.33
CA ALA A 148 -12.72 17.39 8.64
C ALA A 148 -14.18 17.17 9.02
N GLN A 149 -14.40 16.99 10.32
CA GLN A 149 -15.73 16.89 10.92
C GLN A 149 -15.74 17.85 12.12
N LEU A 150 -16.74 18.72 12.21
CA LEU A 150 -16.83 19.71 13.32
C LEU A 150 -17.24 19.08 14.63
N GLU A 151 -16.49 19.38 15.68
CA GLU A 151 -16.81 18.89 17.01
C GLU A 151 -16.21 19.80 18.06
N ASP A 152 -17.00 20.12 19.09
CA ASP A 152 -16.60 20.98 20.22
C ASP A 152 -15.80 22.20 19.74
N GLY A 153 -16.27 22.86 18.69
CA GLY A 153 -15.62 24.04 18.15
C GLY A 153 -14.23 23.88 17.56
N ARG A 154 -13.90 22.67 17.08
CA ARG A 154 -12.70 22.45 16.26
C ARG A 154 -12.99 21.37 15.24
N PHE A 155 -12.04 21.15 14.35
CA PHE A 155 -12.12 20.07 13.39
C PHE A 155 -11.29 18.87 13.83
N VAL A 156 -11.95 17.71 13.83
CA VAL A 156 -11.31 16.44 14.16
C VAL A 156 -11.30 15.56 12.91
N TYR A 157 -10.22 14.79 12.81
CA TYR A 157 -9.97 13.85 11.72
C TYR A 157 -9.71 12.48 12.38
N ARG A 158 -10.66 11.56 12.20
CA ARG A 158 -10.66 10.25 12.82
C ARG A 158 -10.45 9.18 11.76
N LEU A 159 -9.28 8.52 11.79
CA LEU A 159 -8.98 7.36 10.94
C LEU A 159 -8.93 6.19 11.89
N LEU A 160 -10.08 5.65 12.21
CA LEU A 160 -10.16 4.74 13.34
C LEU A 160 -10.32 3.32 12.83
N ARG A 161 -9.69 2.38 13.53
CA ARG A 161 -9.79 0.96 13.21
C ARG A 161 -9.51 0.65 11.75
N SER A 162 -8.49 1.31 11.19
CA SER A 162 -8.02 0.97 9.86
C SER A 162 -7.34 -0.41 9.94
N PRO A 163 -7.77 -1.38 9.11
CA PRO A 163 -7.14 -2.71 9.25
C PRO A 163 -5.64 -2.67 8.96
N MET A 164 -4.85 -3.14 9.93
CA MET A 164 -3.41 -3.31 9.72
C MET A 164 -3.17 -4.21 8.51
N CYS A 165 -2.32 -3.79 7.60
CA CYS A 165 -1.93 -4.59 6.45
C CYS A 165 -1.34 -5.96 6.84
N GLU A 166 -1.43 -6.87 5.90
CA GLU A 166 -1.13 -8.23 6.21
C GLU A 166 0.36 -8.44 6.38
N TYR A 167 1.19 -7.67 5.69
CA TYR A 167 2.64 -7.74 5.86
C TYR A 167 2.96 -7.60 7.34
N LEU A 168 2.44 -6.54 7.95
CA LEU A 168 2.70 -6.26 9.36
C LEU A 168 2.12 -7.26 10.32
N VAL A 169 0.94 -7.76 10.00
CA VAL A 169 0.30 -8.73 10.87
C VAL A 169 1.19 -9.97 10.96
N ASN A 170 1.60 -10.48 9.81
CA ASN A 170 2.47 -11.66 9.74
C ASN A 170 3.81 -11.42 10.44
N PHE A 171 4.41 -10.27 10.12
CA PHE A 171 5.62 -9.79 10.77
C PHE A 171 5.47 -9.82 12.28
N LEU A 172 4.38 -9.27 12.81
CA LEU A 172 4.16 -9.25 14.27
C LEU A 172 3.99 -10.64 14.85
N HIS A 173 3.32 -11.51 14.11
CA HIS A 173 3.09 -12.87 14.55
C HIS A 173 4.43 -13.58 14.70
N LYS A 174 5.33 -13.36 13.76
CA LYS A 174 6.67 -13.92 13.88
C LYS A 174 7.46 -13.28 15.00
N LEU A 175 7.56 -11.97 14.96
CA LEU A 175 8.34 -11.21 15.93
C LEU A 175 8.06 -11.66 17.36
N ARG A 176 6.80 -11.93 17.65
CA ARG A 176 6.44 -12.31 18.99
C ARG A 176 6.95 -13.68 19.41
N GLN A 177 7.17 -14.56 18.45
CA GLN A 177 7.72 -15.88 18.75
C GLN A 177 9.17 -15.87 19.22
N LEU A 178 9.92 -14.81 18.92
CA LEU A 178 11.33 -14.75 19.30
C LEU A 178 11.50 -14.97 20.80
N PRO A 179 12.48 -15.77 21.21
CA PRO A 179 12.56 -16.11 22.62
C PRO A 179 13.18 -15.06 23.53
N GLU A 180 13.81 -14.03 22.97
CA GLU A 180 14.43 -12.97 23.76
C GLU A 180 14.18 -11.60 23.15
N ARG A 181 14.05 -10.61 24.03
CA ARG A 181 13.77 -9.23 23.65
C ARG A 181 14.91 -8.67 22.86
N TYR A 182 16.14 -8.95 23.28
CA TYR A 182 17.29 -8.46 22.53
C TYR A 182 17.23 -8.92 21.06
N MET A 183 16.64 -10.09 20.80
CA MET A 183 16.48 -10.57 19.43
C MET A 183 15.40 -9.77 18.65
N MET A 184 14.28 -9.53 19.33
CA MET A 184 13.26 -8.61 18.80
C MET A 184 13.84 -7.24 18.49
N ASN A 185 14.65 -6.71 19.39
CA ASN A 185 15.31 -5.44 19.13
C ASN A 185 16.25 -5.47 17.94
N SER A 186 17.03 -6.54 17.81
CA SER A 186 17.89 -6.69 16.64
C SER A 186 17.11 -6.66 15.34
N VAL A 187 16.00 -7.38 15.30
CA VAL A 187 15.18 -7.42 14.11
C VAL A 187 14.59 -6.04 13.87
N LEU A 188 14.14 -5.38 14.93
CA LEU A 188 13.48 -4.08 14.79
C LEU A 188 14.40 -2.92 14.44
N GLU A 189 15.70 -3.07 14.60
CA GLU A 189 16.59 -1.95 14.21
C GLU A 189 16.52 -1.67 12.70
N ASN A 190 16.05 -2.64 11.91
CA ASN A 190 15.84 -2.43 10.47
C ASN A 190 14.40 -2.14 10.04
N PHE A 191 13.50 -1.87 10.99
CA PHE A 191 12.09 -1.72 10.67
C PHE A 191 11.64 -0.33 11.06
N THR A 192 11.17 0.44 10.07
CA THR A 192 10.73 1.81 10.31
C THR A 192 9.43 2.15 9.60
N ILE A 193 8.73 3.18 10.11
CA ILE A 193 7.56 3.74 9.48
C ILE A 193 7.68 5.24 9.27
N LEU A 194 7.22 5.73 8.11
CA LEU A 194 7.22 7.16 7.79
C LEU A 194 5.80 7.52 7.46
N GLN A 195 5.25 8.51 8.16
CA GLN A 195 3.90 8.98 7.94
C GLN A 195 3.91 10.42 7.49
N VAL A 196 3.31 10.67 6.34
CA VAL A 196 3.24 11.98 5.75
C VAL A 196 1.78 12.35 5.67
N VAL A 197 1.43 13.50 6.23
CA VAL A 197 0.08 13.99 6.24
C VAL A 197 0.13 15.34 5.55
N THR A 198 -0.65 15.46 4.48
CA THR A 198 -0.69 16.65 3.64
C THR A 198 -2.12 17.19 3.53
N ASN A 199 -2.20 18.47 3.18
CA ASN A 199 -3.46 19.11 2.86
C ASN A 199 -3.80 18.68 1.45
N ARG A 200 -4.78 17.80 1.33
CA ARG A 200 -5.12 17.23 0.03
C ARG A 200 -5.40 18.29 -1.02
N ASP A 201 -6.14 19.34 -0.69
CA ASP A 201 -6.50 20.34 -1.69
C ASP A 201 -5.31 21.18 -2.15
N THR A 202 -4.41 21.55 -1.23
CA THR A 202 -3.27 22.41 -1.59
C THR A 202 -1.95 21.67 -1.78
N GLN A 203 -1.88 20.39 -1.40
CA GLN A 203 -0.65 19.59 -1.51
C GLN A 203 0.46 19.97 -0.49
N GLU A 204 0.13 20.81 0.50
CA GLU A 204 1.09 21.26 1.51
C GLU A 204 1.32 20.19 2.55
N LEU A 205 2.58 20.00 2.94
CA LEU A 205 2.91 19.06 3.99
C LEU A 205 2.44 19.61 5.31
N LEU A 206 1.61 18.86 6.03
CA LEU A 206 1.21 19.32 7.36
C LEU A 206 2.00 18.62 8.48
N LEU A 207 2.28 17.33 8.34
CA LEU A 207 3.03 16.60 9.36
C LEU A 207 3.79 15.48 8.70
N CYS A 208 5.03 15.29 9.12
CA CYS A 208 5.80 14.15 8.70
C CYS A 208 6.44 13.55 9.92
N THR A 209 6.08 12.31 10.25
CA THR A 209 6.62 11.62 11.40
C THR A 209 7.37 10.35 11.01
N ALA A 210 8.63 10.26 11.46
CA ALA A 210 9.43 9.04 11.40
C ALA A 210 9.25 8.29 12.70
N TYR A 211 8.93 6.99 12.60
CA TYR A 211 8.84 6.09 13.75
C TYR A 211 9.94 5.02 13.76
N VAL A 212 10.62 4.88 14.90
CA VAL A 212 11.59 3.78 15.13
C VAL A 212 11.10 2.95 16.30
N PHE A 213 11.57 1.71 16.39
CA PHE A 213 10.98 0.71 17.32
C PHE A 213 11.98 -0.14 18.13
N GLU A 214 11.61 -0.38 19.38
CA GLU A 214 12.21 -1.40 20.24
C GLU A 214 11.06 -2.04 20.95
N VAL A 215 11.33 -3.03 21.78
CA VAL A 215 10.26 -3.66 22.54
C VAL A 215 10.53 -3.31 23.99
N SER A 216 9.44 -3.24 24.75
CA SER A 216 9.48 -3.07 26.18
C SER A 216 9.22 -4.42 26.81
N THR A 217 9.49 -4.49 28.10
CA THR A 217 8.91 -5.51 28.93
C THR A 217 7.45 -5.09 29.17
N SER A 218 6.59 -6.08 29.35
CA SER A 218 5.18 -5.84 29.71
C SER A 218 5.04 -5.29 31.14
N GLU A 219 6.02 -5.60 32.00
CA GLU A 219 6.17 -4.97 33.32
C GLU A 219 6.31 -3.43 33.21
N ARG A 220 7.20 -2.96 32.31
CA ARG A 220 7.37 -1.52 32.09
C ARG A 220 6.26 -0.94 31.23
N GLY A 221 5.73 -1.72 30.29
CA GLY A 221 4.65 -1.29 29.39
C GLY A 221 5.12 -0.42 28.23
N ALA A 222 4.22 -0.18 27.28
CA ALA A 222 4.54 0.71 26.13
C ALA A 222 4.96 2.11 26.54
N GLN A 223 5.87 2.67 25.77
CA GLN A 223 6.39 4.00 26.00
C GLN A 223 6.78 4.60 24.67
N HIS A 224 6.85 5.92 24.65
CA HIS A 224 7.32 6.66 23.48
C HIS A 224 8.01 7.90 23.93
N HIS A 225 8.80 8.46 23.01
CA HIS A 225 9.56 9.67 23.25
C HIS A 225 9.48 10.39 21.89
N ILE A 226 8.90 11.58 21.90
CA ILE A 226 8.73 12.36 20.69
C ILE A 226 9.86 13.38 20.62
N TYR A 227 10.47 13.50 19.46
CA TYR A 227 11.54 14.47 19.22
C TYR A 227 11.20 15.32 18.00
N ARG A 228 11.95 16.38 17.83
CA ARG A 228 11.82 17.24 16.68
C ARG A 228 12.95 16.90 15.77
N LEU A 229 12.72 16.99 14.48
CA LEU A 229 13.81 16.74 13.57
C LEU A 229 14.33 18.09 13.09
N VAL A 230 15.65 18.25 13.10
CA VAL A 230 16.31 19.52 12.74
C VAL A 230 17.47 19.32 11.77
N ARG A 231 17.85 20.43 11.13
CA ARG A 231 18.91 20.41 10.12
C ARG A 231 19.42 21.82 9.83
N TRP B 3 -25.18 -16.74 -12.62
CA TRP B 3 -24.33 -17.56 -13.55
C TRP B 3 -22.88 -17.05 -13.54
N GLN B 4 -22.19 -17.22 -14.66
CA GLN B 4 -20.73 -17.21 -14.73
C GLN B 4 -20.17 -16.06 -15.56
N ALA B 5 -19.02 -15.54 -15.14
CA ALA B 5 -18.44 -14.30 -15.67
C ALA B 5 -17.97 -14.36 -17.15
N ARG B 6 -18.25 -13.25 -17.84
CA ARG B 6 -17.85 -12.97 -19.22
C ARG B 6 -16.64 -12.05 -19.30
N GLY B 7 -16.46 -11.19 -18.30
CA GLY B 7 -15.30 -10.31 -18.19
C GLY B 7 -14.78 -10.26 -16.76
N LEU B 8 -13.78 -9.42 -16.55
CA LEU B 8 -13.17 -9.27 -15.24
C LEU B 8 -14.03 -8.37 -14.38
N GLY B 9 -14.91 -8.99 -13.60
CA GLY B 9 -15.88 -8.27 -12.79
C GLY B 9 -16.95 -9.16 -12.20
N THR B 10 -17.63 -8.64 -11.20
CA THR B 10 -18.84 -9.24 -10.64
C THR B 10 -19.97 -8.25 -10.89
N ALA B 11 -21.15 -8.60 -10.43
CA ALA B 11 -22.29 -7.72 -10.50
C ALA B 11 -22.07 -6.50 -9.62
N ARG B 12 -21.27 -6.61 -8.57
CA ARG B 12 -21.05 -5.49 -7.67
C ARG B 12 -19.88 -4.58 -8.05
N LEU B 13 -18.97 -5.06 -8.88
CA LEU B 13 -17.79 -4.28 -9.24
C LEU B 13 -17.10 -4.86 -10.46
N GLN B 14 -17.02 -4.02 -11.50
CA GLN B 14 -16.51 -4.39 -12.81
C GLN B 14 -15.24 -3.59 -13.00
N LEU B 15 -14.22 -4.21 -13.59
CA LEU B 15 -13.06 -3.46 -14.06
C LEU B 15 -13.38 -2.86 -15.42
N VAL B 16 -13.12 -1.58 -15.54
CA VAL B 16 -13.38 -0.89 -16.79
C VAL B 16 -12.07 -0.84 -17.54
N GLU B 17 -11.04 -0.40 -16.84
CA GLU B 17 -9.76 -0.23 -17.45
C GLU B 17 -8.59 -0.40 -16.48
N PHE B 18 -7.53 -1.01 -17.00
CA PHE B 18 -6.27 -1.16 -16.27
C PHE B 18 -5.12 -0.99 -17.25
N SER B 19 -4.13 -0.20 -16.86
CA SER B 19 -2.95 -0.09 -17.68
C SER B 19 -1.77 0.37 -16.85
N ALA B 20 -0.59 -0.04 -17.31
CA ALA B 20 0.67 0.45 -16.79
C ALA B 20 1.44 0.95 -17.99
N PHE B 21 2.08 2.10 -17.85
CA PHE B 21 2.63 2.78 -19.01
C PHE B 21 3.81 3.64 -18.63
N VAL B 22 4.48 4.11 -19.67
CA VAL B 22 5.50 5.15 -19.54
C VAL B 22 5.33 6.22 -20.63
N GLU B 23 5.50 7.46 -20.22
CA GLU B 23 5.41 8.62 -21.07
C GLU B 23 6.85 9.14 -21.13
N PRO B 24 7.45 9.20 -22.34
CA PRO B 24 8.82 9.71 -22.41
C PRO B 24 8.94 11.17 -21.98
N PRO B 25 10.15 11.62 -21.57
CA PRO B 25 10.37 13.01 -21.11
C PRO B 25 9.84 14.10 -22.07
N ASP B 26 9.90 13.80 -23.36
CA ASP B 26 9.44 14.67 -24.44
C ASP B 26 7.96 14.50 -24.84
N ALA B 27 7.13 13.89 -23.99
CA ALA B 27 5.69 13.75 -24.26
C ALA B 27 4.97 15.11 -24.17
N VAL B 28 5.52 16.00 -23.34
CA VAL B 28 5.14 17.44 -23.30
C VAL B 28 5.10 18.16 -24.66
N ASP B 29 5.97 17.77 -25.60
CA ASP B 29 6.02 18.41 -26.92
C ASP B 29 5.27 17.62 -27.97
N SER B 30 5.52 16.32 -28.05
CA SER B 30 4.70 15.44 -28.86
C SER B 30 4.28 14.31 -27.95
N TYR B 31 3.00 14.28 -27.56
CA TYR B 31 2.53 13.31 -26.56
C TYR B 31 2.57 11.90 -27.08
N GLN B 32 3.11 11.01 -26.26
CA GLN B 32 2.87 9.60 -26.43
C GLN B 32 3.06 8.82 -25.16
N ARG B 33 2.51 7.62 -25.16
CA ARG B 33 2.70 6.68 -24.08
C ARG B 33 2.86 5.26 -24.59
N HIS B 34 3.75 4.55 -23.90
CA HIS B 34 4.02 3.16 -24.15
C HIS B 34 3.29 2.36 -23.06
N LEU B 35 2.47 1.41 -23.53
CA LEU B 35 1.73 0.50 -22.67
C LEU B 35 2.52 -0.78 -22.46
N PHE B 36 2.92 -1.02 -21.22
CA PHE B 36 3.49 -2.29 -20.86
C PHE B 36 2.40 -3.34 -20.87
N VAL B 37 1.27 -3.05 -20.23
CA VAL B 37 0.09 -3.94 -20.27
C VAL B 37 -1.15 -3.09 -20.29
N HIS B 38 -2.27 -3.64 -20.76
CA HIS B 38 -3.50 -2.86 -20.94
C HIS B 38 -4.73 -3.75 -20.95
N ILE B 39 -5.71 -3.47 -20.10
CA ILE B 39 -7.02 -4.14 -20.21
C ILE B 39 -8.06 -3.07 -20.35
N SER B 40 -8.92 -3.21 -21.34
CA SER B 40 -10.03 -2.28 -21.56
C SER B 40 -11.32 -3.08 -21.72
N GLN B 41 -12.32 -2.82 -20.89
CA GLN B 41 -13.58 -3.58 -20.97
C GLN B 41 -14.79 -2.72 -21.26
N PRO B 49 -20.54 -15.78 -23.94
CA PRO B 49 -19.44 -16.74 -23.91
C PRO B 49 -18.62 -16.63 -22.62
N PRO B 50 -18.64 -17.69 -21.75
CA PRO B 50 -17.95 -17.55 -20.45
C PRO B 50 -16.44 -17.55 -20.58
N LEU B 51 -15.75 -17.02 -19.57
CA LEU B 51 -14.29 -17.11 -19.55
C LEU B 51 -13.90 -18.53 -19.17
N GLU B 52 -12.72 -18.92 -19.64
CA GLU B 52 -12.17 -20.20 -19.27
C GLU B 52 -11.76 -20.10 -17.83
N SER B 53 -11.57 -21.24 -17.19
CA SER B 53 -11.20 -21.27 -15.79
C SER B 53 -9.86 -21.95 -15.61
N VAL B 54 -9.25 -21.71 -14.46
CA VAL B 54 -7.95 -22.27 -14.04
C VAL B 54 -8.11 -22.59 -12.58
N ASP B 55 -7.61 -23.74 -12.14
CA ASP B 55 -7.77 -24.14 -10.76
C ASP B 55 -6.80 -23.36 -9.89
N VAL B 56 -7.33 -22.75 -8.84
CA VAL B 56 -6.57 -21.83 -8.00
C VAL B 56 -5.44 -22.51 -7.20
N ARG B 57 -5.56 -23.81 -7.01
CA ARG B 57 -4.51 -24.59 -6.34
C ARG B 57 -3.23 -24.57 -7.17
N GLN B 58 -3.36 -24.63 -8.50
CA GLN B 58 -2.20 -24.52 -9.43
C GLN B 58 -1.29 -23.28 -9.24
N ILE B 59 -1.77 -22.22 -8.57
CA ILE B 59 -0.98 -20.97 -8.44
C ILE B 59 -0.71 -20.47 -7.01
N TYR B 60 -1.20 -21.17 -5.98
CA TYR B 60 -0.95 -20.77 -4.56
C TYR B 60 0.52 -20.42 -4.22
N ASP B 61 1.45 -21.18 -4.81
CA ASP B 61 2.85 -21.03 -4.52
C ASP B 61 3.41 -19.74 -5.10
N LYS B 62 2.74 -19.22 -6.12
CA LYS B 62 3.19 -18.01 -6.80
C LYS B 62 2.85 -16.73 -6.04
N PHE B 63 2.09 -16.84 -4.95
CA PHE B 63 1.71 -15.70 -4.08
C PHE B 63 1.97 -16.04 -2.62
N PRO B 64 1.88 -15.06 -1.72
CA PRO B 64 2.15 -15.42 -0.33
C PRO B 64 1.24 -16.54 0.13
N GLU B 65 1.54 -17.15 1.26
CA GLU B 65 0.75 -18.30 1.75
C GLU B 65 0.16 -18.15 3.16
N LYS B 66 0.17 -16.94 3.73
CA LYS B 66 -0.42 -16.74 5.03
C LYS B 66 -1.58 -15.77 4.96
N LYS B 67 -1.68 -14.89 5.96
CA LYS B 67 -2.69 -13.86 5.95
C LYS B 67 -2.62 -13.05 4.67
N GLY B 68 -3.69 -13.05 3.89
CA GLY B 68 -3.71 -12.29 2.65
C GLY B 68 -3.05 -13.06 1.52
N GLY B 69 -2.93 -14.37 1.72
CA GLY B 69 -2.46 -15.25 0.68
C GLY B 69 -3.66 -15.73 -0.10
N LEU B 70 -3.42 -16.24 -1.29
CA LEU B 70 -4.50 -16.71 -2.13
C LEU B 70 -5.41 -17.71 -1.49
N ARG B 71 -4.82 -18.70 -0.83
CA ARG B 71 -5.60 -19.78 -0.22
C ARG B 71 -6.54 -19.23 0.84
N GLU B 72 -6.00 -18.36 1.69
CA GLU B 72 -6.79 -17.77 2.75
C GLU B 72 -7.85 -16.81 2.20
N LEU B 73 -7.49 -16.02 1.19
CA LEU B 73 -8.47 -15.14 0.54
C LEU B 73 -9.57 -15.94 -0.12
N TYR B 74 -9.20 -16.96 -0.89
CA TYR B 74 -10.21 -17.78 -1.55
C TYR B 74 -11.14 -18.40 -0.53
N ASP B 75 -10.61 -18.78 0.64
CA ASP B 75 -11.45 -19.29 1.75
C ASP B 75 -12.47 -18.26 2.24
N ARG B 76 -12.05 -17.01 2.42
CA ARG B 76 -12.97 -15.94 2.86
C ARG B 76 -14.09 -15.69 1.82
N GLY B 77 -13.75 -15.84 0.54
CA GLY B 77 -14.71 -15.74 -0.54
C GLY B 77 -15.00 -14.30 -0.86
N PRO B 78 -15.93 -14.02 -1.77
CA PRO B 78 -16.69 -15.03 -2.45
C PRO B 78 -15.96 -15.54 -3.67
N PRO B 79 -16.13 -16.83 -3.98
CA PRO B 79 -15.37 -17.50 -5.03
C PRO B 79 -15.49 -16.87 -6.40
N HIS B 80 -16.66 -16.36 -6.76
CA HIS B 80 -16.84 -15.77 -8.09
C HIS B 80 -16.05 -14.45 -8.33
N ALA B 81 -15.47 -13.87 -7.27
CA ALA B 81 -14.71 -12.61 -7.35
C ALA B 81 -13.25 -12.75 -7.76
N PHE B 82 -12.82 -13.97 -8.07
CA PHE B 82 -11.42 -14.31 -8.28
C PHE B 82 -11.06 -14.59 -9.74
N PHE B 83 -10.05 -13.87 -10.24
CA PHE B 83 -9.61 -13.92 -11.61
C PHE B 83 -8.11 -14.07 -11.69
N LEU B 84 -7.66 -14.62 -12.82
CA LEU B 84 -6.25 -14.68 -13.21
C LEU B 84 -6.11 -14.00 -14.55
N VAL B 85 -5.20 -13.04 -14.63
CA VAL B 85 -4.81 -12.47 -15.90
C VAL B 85 -3.39 -12.87 -16.24
N LYS B 86 -3.23 -13.42 -17.44
CA LYS B 86 -1.93 -13.62 -18.01
C LYS B 86 -1.70 -12.46 -18.95
N PHE B 87 -0.58 -11.77 -18.74
CA PHE B 87 -0.12 -10.68 -19.60
C PHE B 87 1.11 -11.10 -20.39
N TRP B 88 1.10 -10.71 -21.66
CA TRP B 88 2.29 -10.63 -22.48
C TRP B 88 2.63 -9.17 -22.50
N ALA B 89 3.64 -8.81 -21.73
CA ALA B 89 4.05 -7.44 -21.54
C ALA B 89 4.96 -6.94 -22.66
N ASP B 90 4.78 -5.69 -23.05
CA ASP B 90 5.56 -5.11 -24.10
C ASP B 90 6.65 -4.31 -23.44
N LEU B 91 7.88 -4.80 -23.54
CA LEU B 91 9.03 -4.11 -22.94
C LEU B 91 9.95 -3.50 -23.96
N ASN B 92 9.43 -3.10 -25.11
CA ASN B 92 10.26 -2.46 -26.12
C ASN B 92 9.86 -0.99 -26.22
N TRP B 93 10.63 -0.04 -25.65
CA TRP B 93 10.21 1.39 -25.62
C TRP B 93 11.26 2.52 -25.65
N SER B 107 18.32 6.16 -21.58
CA SER B 107 17.13 5.42 -21.98
C SER B 107 16.04 5.48 -20.91
N SER B 108 15.92 6.62 -20.21
CA SER B 108 15.07 6.71 -19.02
C SER B 108 14.57 8.13 -18.74
N GLY B 109 14.12 8.35 -17.51
CA GLY B 109 13.72 9.67 -17.05
C GLY B 109 12.32 10.10 -17.45
N GLY B 110 11.46 9.13 -17.83
CA GLY B 110 10.08 9.42 -18.19
C GLY B 110 9.17 9.21 -17.00
N PHE B 111 7.86 9.39 -17.20
CA PHE B 111 6.90 9.11 -16.13
C PHE B 111 6.32 7.71 -16.25
N TYR B 112 6.44 6.92 -15.18
CA TYR B 112 5.94 5.56 -15.11
C TYR B 112 4.70 5.53 -14.23
N GLY B 113 3.58 5.14 -14.84
CA GLY B 113 2.29 5.21 -14.18
C GLY B 113 1.45 3.96 -14.34
N VAL B 114 0.50 3.83 -13.42
CA VAL B 114 -0.55 2.80 -13.42
C VAL B 114 -1.91 3.50 -13.29
N SER B 115 -2.88 3.13 -14.14
CA SER B 115 -4.23 3.70 -14.11
C SER B 115 -5.23 2.56 -14.04
N SER B 116 -6.23 2.75 -13.15
CA SER B 116 -7.31 1.77 -12.88
C SER B 116 -8.67 2.47 -12.81
N GLN B 117 -9.67 1.81 -13.36
CA GLN B 117 -11.02 2.31 -13.31
C GLN B 117 -11.98 1.17 -13.12
N TYR B 118 -12.88 1.32 -12.15
CA TYR B 118 -13.92 0.34 -11.87
C TYR B 118 -15.30 1.02 -11.88
N GLU B 119 -16.33 0.19 -11.94
CA GLU B 119 -17.70 0.66 -11.98
C GLU B 119 -18.53 -0.23 -11.06
N SER B 120 -19.48 0.39 -10.36
CA SER B 120 -20.48 -0.29 -9.56
C SER B 120 -21.85 0.38 -9.70
N LEU B 121 -22.89 -0.32 -9.28
CA LEU B 121 -24.22 0.28 -9.12
C LEU B 121 -24.42 0.82 -7.71
N GLU B 122 -23.71 0.29 -6.73
CA GLU B 122 -23.79 0.86 -5.40
C GLU B 122 -22.64 1.82 -5.14
N HIS B 123 -22.88 2.70 -4.18
CA HIS B 123 -21.94 3.68 -3.72
C HIS B 123 -21.16 3.05 -2.57
N MET B 124 -19.85 2.97 -2.75
CA MET B 124 -18.94 2.38 -1.77
C MET B 124 -17.68 3.22 -1.73
N THR B 125 -16.86 2.94 -0.74
CA THR B 125 -15.52 3.42 -0.70
C THR B 125 -14.70 2.16 -0.82
N LEU B 126 -13.77 2.15 -1.79
CA LEU B 126 -12.94 0.98 -2.04
C LEU B 126 -11.56 1.12 -1.43
N THR B 127 -10.99 0.01 -1.02
CA THR B 127 -9.57 -0.13 -0.74
C THR B 127 -8.98 -1.06 -1.80
N CYS B 128 -7.99 -0.56 -2.55
CA CYS B 128 -7.27 -1.37 -3.53
CA CYS B 128 -7.28 -1.33 -3.54
C CYS B 128 -5.85 -1.57 -3.08
N SER B 129 -5.53 -2.85 -2.81
CA SER B 129 -4.19 -3.32 -2.50
C SER B 129 -3.58 -4.02 -3.72
N SER B 130 -2.40 -3.55 -4.11
CA SER B 130 -1.56 -4.24 -5.08
C SER B 130 -0.27 -4.78 -4.44
N LYS B 131 -0.14 -6.10 -4.38
CA LYS B 131 1.05 -6.78 -3.82
CA LYS B 131 1.05 -6.78 -3.82
C LYS B 131 1.94 -7.34 -4.93
N VAL B 132 3.13 -6.77 -5.12
CA VAL B 132 4.13 -7.31 -6.03
C VAL B 132 4.88 -8.41 -5.29
N CYS B 133 5.07 -9.56 -5.95
CA CYS B 133 5.65 -10.77 -5.35
C CYS B 133 6.80 -11.39 -6.16
N SER B 134 7.88 -11.76 -5.48
CA SER B 134 9.04 -12.41 -6.10
C SER B 134 9.17 -13.78 -5.46
N PHE B 135 9.09 -14.84 -6.28
CA PHE B 135 9.10 -16.22 -5.78
C PHE B 135 8.02 -16.36 -4.71
N GLY B 136 6.85 -15.83 -5.02
CA GLY B 136 5.71 -15.91 -4.12
C GLY B 136 5.82 -15.15 -2.81
N LYS B 137 6.84 -14.32 -2.67
CA LYS B 137 7.03 -13.56 -1.45
C LYS B 137 6.77 -12.11 -1.79
N GLN B 138 5.90 -11.50 -0.99
CA GLN B 138 5.58 -10.11 -1.16
C GLN B 138 6.81 -9.25 -0.97
N VAL B 139 7.12 -8.37 -1.92
CA VAL B 139 8.28 -7.46 -1.79
C VAL B 139 7.89 -5.99 -1.77
N VAL B 140 6.79 -5.63 -2.42
CA VAL B 140 6.18 -4.33 -2.18
C VAL B 140 4.66 -4.43 -2.17
N GLU B 141 4.05 -3.36 -1.70
CA GLU B 141 2.62 -3.24 -1.65
C GLU B 141 2.19 -1.80 -1.64
N LYS B 142 1.13 -1.51 -2.37
CA LYS B 142 0.50 -0.20 -2.32
C LYS B 142 -0.94 -0.40 -2.03
N VAL B 143 -1.45 0.34 -1.05
CA VAL B 143 -2.84 0.35 -0.65
C VAL B 143 -3.36 1.77 -0.78
N GLU B 144 -4.45 1.93 -1.55
CA GLU B 144 -5.10 3.22 -1.79
C GLU B 144 -6.60 3.03 -1.54
N THR B 145 -7.27 4.10 -1.14
CA THR B 145 -8.72 4.09 -1.05
C THR B 145 -9.28 5.06 -2.07
N GLU B 146 -10.47 4.76 -2.57
CA GLU B 146 -11.11 5.61 -3.55
C GLU B 146 -12.64 5.61 -3.35
N ARG B 147 -13.19 6.80 -3.18
CA ARG B 147 -14.61 6.98 -2.96
C ARG B 147 -15.31 7.07 -4.33
N ALA B 148 -16.54 6.59 -4.40
CA ALA B 148 -17.34 6.63 -5.63
C ALA B 148 -17.60 8.05 -6.17
N GLN B 149 -17.81 8.14 -7.47
CA GLN B 149 -18.25 9.35 -8.13
C GLN B 149 -19.51 9.01 -8.90
N LEU B 150 -20.63 9.66 -8.58
CA LEU B 150 -21.91 9.34 -9.20
C LEU B 150 -21.94 9.94 -10.59
N GLU B 151 -22.07 9.08 -11.59
CA GLU B 151 -22.18 9.49 -12.97
C GLU B 151 -23.37 8.81 -13.61
N ASP B 152 -23.26 8.29 -14.83
CA ASP B 152 -24.46 8.11 -15.62
C ASP B 152 -25.28 6.86 -15.23
N GLY B 153 -26.06 7.02 -14.17
CA GLY B 153 -26.81 5.92 -13.54
C GLY B 153 -25.94 4.88 -12.83
N ARG B 154 -24.67 5.22 -12.57
CA ARG B 154 -23.73 4.30 -11.95
CA ARG B 154 -23.68 4.29 -12.03
C ARG B 154 -22.55 5.04 -11.33
N PHE B 155 -21.85 4.33 -10.46
CA PHE B 155 -20.71 4.90 -9.75
C PHE B 155 -19.41 4.50 -10.44
N VAL B 156 -18.45 5.40 -10.40
CA VAL B 156 -17.14 5.18 -10.97
C VAL B 156 -16.09 5.44 -9.92
N TYR B 157 -15.00 4.67 -10.02
CA TYR B 157 -13.86 4.74 -9.11
C TYR B 157 -12.61 4.89 -9.96
N ARG B 158 -11.92 6.01 -9.80
CA ARG B 158 -10.80 6.35 -10.66
C ARG B 158 -9.53 6.42 -9.85
N LEU B 159 -8.58 5.58 -10.20
CA LEU B 159 -7.25 5.65 -9.60
C LEU B 159 -6.33 5.84 -10.77
N LEU B 160 -6.27 7.06 -11.27
CA LEU B 160 -5.53 7.33 -12.50
C LEU B 160 -4.15 7.87 -12.24
N ARG B 161 -3.20 7.46 -13.07
CA ARG B 161 -1.83 7.97 -13.04
C ARG B 161 -1.15 7.88 -11.69
N SER B 162 -1.41 6.80 -10.94
CA SER B 162 -0.61 6.45 -9.76
C SER B 162 0.81 6.32 -10.27
N PRO B 163 1.78 6.98 -9.64
CA PRO B 163 3.17 6.75 -10.01
C PRO B 163 3.59 5.32 -9.69
N MET B 164 4.26 4.68 -10.64
CA MET B 164 4.74 3.35 -10.40
C MET B 164 5.78 3.40 -9.29
N CYS B 165 5.71 2.47 -8.33
CA CYS B 165 6.83 2.27 -7.39
C CYS B 165 8.17 2.12 -8.13
N GLU B 166 9.16 2.80 -7.58
CA GLU B 166 10.48 2.89 -8.18
C GLU B 166 11.18 1.52 -8.24
N TYR B 167 10.81 0.57 -7.39
CA TYR B 167 11.43 -0.72 -7.42
C TYR B 167 10.95 -1.49 -8.63
N LEU B 168 9.70 -1.22 -9.02
CA LEU B 168 9.11 -1.79 -10.20
C LEU B 168 9.68 -1.14 -11.46
N VAL B 169 9.85 0.18 -11.41
CA VAL B 169 10.54 0.89 -12.51
C VAL B 169 11.96 0.32 -12.71
N ASN B 170 12.70 0.13 -11.62
CA ASN B 170 14.05 -0.44 -11.72
C ASN B 170 14.06 -1.82 -12.30
N PHE B 171 13.18 -2.68 -11.78
CA PHE B 171 12.97 -4.01 -12.31
C PHE B 171 12.75 -3.99 -13.82
N LEU B 172 11.85 -3.13 -14.28
CA LEU B 172 11.59 -3.06 -15.71
C LEU B 172 12.84 -2.64 -16.47
N HIS B 173 13.61 -1.71 -15.92
CA HIS B 173 14.83 -1.27 -16.59
C HIS B 173 15.79 -2.43 -16.74
N LYS B 174 15.93 -3.20 -15.68
CA LYS B 174 16.76 -4.41 -15.73
C LYS B 174 16.25 -5.49 -16.68
N LEU B 175 14.99 -5.91 -16.53
CA LEU B 175 14.41 -6.88 -17.47
C LEU B 175 14.67 -6.53 -18.92
N ARG B 176 14.51 -5.26 -19.24
CA ARG B 176 14.57 -4.81 -20.64
C ARG B 176 15.97 -4.95 -21.23
N GLN B 177 17.00 -5.07 -20.40
CA GLN B 177 18.39 -5.17 -20.85
C GLN B 177 18.89 -6.60 -21.00
N LEU B 178 18.11 -7.59 -20.56
CA LEU B 178 18.49 -8.98 -20.63
C LEU B 178 18.72 -9.36 -22.07
N PRO B 179 19.81 -10.13 -22.36
CA PRO B 179 20.14 -10.35 -23.75
C PRO B 179 19.19 -11.28 -24.49
N GLU B 180 18.32 -12.01 -23.81
CA GLU B 180 17.43 -12.93 -24.50
C GLU B 180 16.06 -12.89 -23.88
N ARG B 181 15.08 -12.99 -24.76
CA ARG B 181 13.67 -13.10 -24.41
C ARG B 181 13.38 -14.28 -23.49
N TYR B 182 14.00 -15.43 -23.74
CA TYR B 182 13.75 -16.60 -22.89
C TYR B 182 14.18 -16.36 -21.42
N MET B 183 15.24 -15.57 -21.24
CA MET B 183 15.72 -15.18 -19.90
C MET B 183 14.73 -14.20 -19.22
N MET B 184 14.17 -13.29 -19.99
CA MET B 184 13.09 -12.43 -19.49
C MET B 184 11.96 -13.31 -19.00
N ASN B 185 11.55 -14.28 -19.81
CA ASN B 185 10.50 -15.20 -19.34
C ASN B 185 10.88 -16.06 -18.15
N SER B 186 12.14 -16.46 -18.04
CA SER B 186 12.55 -17.22 -16.85
C SER B 186 12.47 -16.34 -15.63
N VAL B 187 12.92 -15.12 -15.75
CA VAL B 187 12.84 -14.21 -14.63
C VAL B 187 11.37 -13.99 -14.26
N LEU B 188 10.53 -13.71 -15.26
CA LEU B 188 9.10 -13.39 -15.02
C LEU B 188 8.33 -14.57 -14.51
N GLU B 189 8.86 -15.76 -14.69
CA GLU B 189 8.20 -16.96 -14.19
C GLU B 189 7.96 -16.83 -12.69
N ASN B 190 8.85 -16.11 -12.01
CA ASN B 190 8.80 -15.96 -10.56
C ASN B 190 8.30 -14.57 -10.13
N PHE B 191 7.60 -13.85 -11.00
CA PHE B 191 7.17 -12.49 -10.71
C PHE B 191 5.70 -12.37 -10.89
N THR B 192 5.00 -12.00 -9.82
CA THR B 192 3.56 -11.92 -9.89
C THR B 192 3.03 -10.73 -9.12
N ILE B 193 1.75 -10.42 -9.38
CA ILE B 193 1.05 -9.35 -8.74
C ILE B 193 -0.32 -9.84 -8.33
N LEU B 194 -0.67 -9.55 -7.08
CA LEU B 194 -1.99 -9.83 -6.56
C LEU B 194 -2.68 -8.52 -6.18
N GLN B 195 -3.87 -8.31 -6.75
CA GLN B 195 -4.71 -7.17 -6.46
C GLN B 195 -5.95 -7.61 -5.75
N VAL B 196 -6.21 -7.05 -4.57
CA VAL B 196 -7.48 -7.29 -3.88
C VAL B 196 -8.17 -5.95 -3.61
N VAL B 197 -9.45 -5.93 -4.00
CA VAL B 197 -10.28 -4.77 -3.89
C VAL B 197 -11.36 -5.14 -2.89
N THR B 198 -11.48 -4.36 -1.84
CA THR B 198 -12.52 -4.57 -0.84
C THR B 198 -13.27 -3.31 -0.54
N ASN B 199 -14.46 -3.51 -0.01
CA ASN B 199 -15.31 -2.44 0.50
C ASN B 199 -14.66 -1.97 1.79
N ARG B 200 -14.09 -0.75 1.80
CA ARG B 200 -13.38 -0.25 3.01
C ARG B 200 -14.25 -0.29 4.28
N ASP B 201 -15.56 -0.05 4.14
CA ASP B 201 -16.47 0.01 5.28
C ASP B 201 -16.85 -1.38 5.82
N THR B 202 -17.24 -2.32 4.97
CA THR B 202 -17.64 -3.66 5.41
C THR B 202 -16.50 -4.66 5.49
N GLN B 203 -15.38 -4.34 4.85
CA GLN B 203 -14.27 -5.28 4.60
C GLN B 203 -14.60 -6.51 3.72
N GLU B 204 -15.71 -6.46 2.99
CA GLU B 204 -16.05 -7.48 2.03
C GLU B 204 -15.11 -7.40 0.84
N LEU B 205 -14.63 -8.57 0.40
CA LEU B 205 -13.92 -8.70 -0.87
C LEU B 205 -14.85 -8.48 -2.06
N LEU B 206 -14.44 -7.58 -2.96
CA LEU B 206 -15.17 -7.30 -4.19
C LEU B 206 -14.50 -7.94 -5.42
N LEU B 207 -13.19 -7.93 -5.46
CA LEU B 207 -12.46 -8.44 -6.62
C LEU B 207 -11.06 -8.81 -6.21
N CYS B 208 -10.60 -9.98 -6.66
CA CYS B 208 -9.24 -10.43 -6.42
C CYS B 208 -8.67 -10.90 -7.75
N THR B 209 -7.57 -10.30 -8.19
CA THR B 209 -6.98 -10.62 -9.47
C THR B 209 -5.51 -10.99 -9.30
N ALA B 210 -5.13 -12.18 -9.78
CA ALA B 210 -3.76 -12.65 -9.80
C ALA B 210 -3.21 -12.41 -11.19
N TYR B 211 -2.02 -11.83 -11.27
CA TYR B 211 -1.43 -11.49 -12.55
C TYR B 211 -0.14 -12.27 -12.74
N VAL B 212 -0.01 -12.95 -13.88
CA VAL B 212 1.21 -13.65 -14.24
C VAL B 212 1.67 -13.11 -15.58
N PHE B 213 2.97 -13.22 -15.85
CA PHE B 213 3.60 -12.41 -16.89
C PHE B 213 4.53 -13.20 -17.82
N GLU B 214 4.48 -12.90 -19.11
CA GLU B 214 5.55 -13.20 -20.07
C GLU B 214 5.81 -11.92 -20.81
N VAL B 215 6.88 -11.90 -21.59
CA VAL B 215 7.14 -10.75 -22.44
C VAL B 215 6.53 -11.08 -23.78
N SER B 216 6.06 -10.05 -24.46
CA SER B 216 5.59 -10.21 -25.82
C SER B 216 6.79 -10.12 -26.77
N THR B 217 6.66 -10.64 -27.98
CA THR B 217 7.81 -10.65 -28.90
C THR B 217 7.94 -9.38 -29.73
N SER B 218 8.22 -8.25 -29.09
CA SER B 218 8.74 -7.05 -29.78
C SER B 218 7.77 -6.42 -30.79
N GLU B 219 7.59 -7.04 -31.95
CA GLU B 219 6.64 -6.56 -32.99
C GLU B 219 5.18 -6.65 -32.57
N ARG B 220 4.86 -7.60 -31.68
CA ARG B 220 3.55 -7.65 -31.08
C ARG B 220 3.63 -6.79 -29.80
N GLY B 221 2.58 -6.00 -29.60
CA GLY B 221 2.44 -5.23 -28.39
C GLY B 221 1.80 -6.05 -27.27
N ALA B 222 1.25 -5.37 -26.30
CA ALA B 222 0.73 -6.01 -25.11
C ALA B 222 -0.53 -6.85 -25.40
N GLN B 223 -0.66 -7.99 -24.76
CA GLN B 223 -1.89 -8.78 -24.84
C GLN B 223 -2.17 -9.39 -23.49
N HIS B 224 -3.39 -9.90 -23.33
CA HIS B 224 -3.80 -10.59 -22.13
C HIS B 224 -4.83 -11.67 -22.41
N HIS B 225 -4.98 -12.56 -21.46
CA HIS B 225 -6.02 -13.54 -21.45
C HIS B 225 -6.49 -13.60 -20.00
N ILE B 226 -7.80 -13.46 -19.80
CA ILE B 226 -8.42 -13.45 -18.49
C ILE B 226 -9.11 -14.80 -18.23
N TYR B 227 -8.91 -15.35 -17.04
CA TYR B 227 -9.49 -16.64 -16.63
C TYR B 227 -10.24 -16.44 -15.32
N ARG B 228 -11.34 -17.16 -15.11
CA ARG B 228 -11.92 -17.30 -13.76
C ARG B 228 -11.07 -18.26 -12.94
N LEU B 229 -10.85 -17.96 -11.65
CA LEU B 229 -10.19 -18.92 -10.75
C LEU B 229 -11.22 -19.74 -9.99
N VAL B 230 -11.13 -21.07 -10.13
CA VAL B 230 -12.09 -22.03 -9.56
C VAL B 230 -11.42 -23.00 -8.61
N ARG B 231 -12.25 -23.82 -7.96
CA ARG B 231 -11.79 -24.77 -6.95
C ARG B 231 -12.90 -25.78 -6.61
#